data_3O8A
#
_entry.id   3O8A
#
_cell.length_a   85.287
_cell.length_b   85.287
_cell.length_c   138.719
_cell.angle_alpha   90.00
_cell.angle_beta   90.00
_cell.angle_gamma   120.00
#
_symmetry.space_group_name_H-M   'P 64'
#
loop_
_entity.id
_entity.type
_entity.pdbx_description
1 polymer 'Dihydroorotate dehydrogenase homolog, mitochondrial'
2 non-polymer N-cyclopropyl-5-[2-methyl-5-(trifluoromethoxy)-1H-benzimidazol-1-yl]thiophene-2-carboxamide
3 non-polymer 'FLAVIN MONONUCLEOTIDE'
4 non-polymer 'OROTIC ACID'
5 non-polymer 'LAURYL DIMETHYLAMINE-N-OXIDE'
6 water water
#
_entity_poly.entity_id   1
_entity_poly.type   'polypeptide(L)'
_entity_poly.pdbx_seq_one_letter_code
;MGSSHHHHHHSSGLVPRGSHMASMTGGQQGRDPFESYNPEFFLYDIFLKFCLKYIDGEICHDLFLLLGKYNILPYDTSND
SIYACTNIKHLDFINPFGVAAGFDKNGVCIDSILKLGFSFIEIGTITPRGQTGNAKPRIFRDVESRSIINSCGFNNMGCD
KVTENLILFRKRQEEDKLLSKHIVGVSIGKNKDTVNIVDDLKYCINKIGRYADYIAINVSSPNTPGLRDNQEAGKLKNII
LSVKEEIDNLEKNNIMNDEFLWFNTTKKKPLVFVKLAPDLNQEQKKEIADVLLETNIDGMIISNTTTQINDIKSFENKKG
GVSGAKLKDISTKFICEMYNYTNKQIPIIASGGIFSGLDALEKIEAGASVCQLYSCLVFNGMKSAVQIKRELNHLLYQRG
YYNLKEAIGRKHSKS
;
_entity_poly.pdbx_strand_id   A
#
loop_
_chem_comp.id
_chem_comp.type
_chem_comp.name
_chem_comp.formula
FMN non-polymer 'FLAVIN MONONUCLEOTIDE' 'C17 H21 N4 O9 P'
LDA non-polymer 'LAURYL DIMETHYLAMINE-N-OXIDE' 'C14 H31 N O'
O8A non-polymer N-cyclopropyl-5-[2-methyl-5-(trifluoromethoxy)-1H-benzimidazol-1-yl]thiophene-2-carboxamide 'C17 H14 F3 N3 O2 S'
ORO non-polymer 'OROTIC ACID' 'C5 H4 N2 O4'
#
# COMPACT_ATOMS: atom_id res chain seq x y z
N TYR A 37 -3.33 -22.54 15.37
CA TYR A 37 -3.10 -21.11 15.39
C TYR A 37 -2.51 -20.67 16.72
N ASN A 38 -3.00 -19.53 17.21
CA ASN A 38 -2.59 -19.03 18.50
C ASN A 38 -3.69 -18.37 19.30
N PRO A 39 -3.60 -18.49 20.61
CA PRO A 39 -4.49 -17.81 21.54
C PRO A 39 -4.33 -16.30 21.48
N GLU A 40 -3.12 -15.82 21.28
CA GLU A 40 -2.93 -14.40 21.28
C GLU A 40 -3.80 -13.80 20.20
N PHE A 41 -3.86 -14.43 19.04
CA PHE A 41 -4.69 -13.92 17.98
C PHE A 41 -6.12 -13.99 18.36
N PHE A 42 -6.45 -14.96 19.18
CA PHE A 42 -7.80 -15.14 19.62
C PHE A 42 -8.33 -14.01 20.45
N LEU A 43 -7.59 -13.58 21.45
CA LEU A 43 -8.07 -12.51 22.30
C LEU A 43 -8.27 -11.26 21.50
N TYR A 44 -7.34 -10.98 20.60
CA TYR A 44 -7.45 -9.75 19.85
C TYR A 44 -8.66 -9.75 18.94
N ASP A 45 -9.05 -10.90 18.44
CA ASP A 45 -10.28 -10.92 17.65
C ASP A 45 -11.49 -10.58 18.50
N ILE A 46 -11.41 -10.94 19.77
CA ILE A 46 -12.50 -10.65 20.70
C ILE A 46 -12.55 -9.17 20.97
N PHE A 47 -11.42 -8.60 21.36
CA PHE A 47 -11.33 -7.15 21.51
C PHE A 47 -11.78 -6.41 20.24
N LEU A 48 -11.41 -6.95 19.08
CA LEU A 48 -11.75 -6.34 17.81
C LEU A 48 -13.25 -6.38 17.56
N LYS A 49 -13.86 -7.54 17.84
CA LYS A 49 -15.32 -7.73 17.78
C LYS A 49 -16.04 -6.63 18.54
N PHE A 50 -15.68 -6.47 19.81
CA PHE A 50 -16.18 -5.40 20.66
C PHE A 50 -16.02 -4.03 19.97
N CYS A 51 -14.79 -3.68 19.60
N CYS A 51 -14.79 -3.68 19.60
CA CYS A 51 -14.48 -2.35 19.05
C CYS A 51 -15.25 -2.01 17.76
N LEU A 52 -15.41 -2.97 16.87
CA LEU A 52 -16.22 -2.77 15.67
C LEU A 52 -17.66 -2.40 15.96
N LYS A 53 -18.23 -2.92 17.05
CA LYS A 53 -19.65 -2.66 17.34
C LYS A 53 -19.87 -1.27 17.96
N TYR A 54 -18.98 -0.89 18.88
CA TYR A 54 -19.20 0.26 19.75
C TYR A 54 -18.30 1.50 19.54
N ILE A 55 -17.08 1.28 19.07
CA ILE A 55 -16.10 2.36 19.04
C ILE A 55 -16.00 2.98 17.65
N ASP A 56 -15.75 4.28 17.66
CA ASP A 56 -15.56 5.04 16.45
C ASP A 56 -14.40 4.48 15.70
N GLY A 57 -14.51 4.43 14.38
CA GLY A 57 -13.50 3.78 13.58
C GLY A 57 -12.11 4.34 13.66
N GLU A 58 -11.96 5.65 13.62
CA GLU A 58 -10.65 6.24 13.75
C GLU A 58 -10.06 5.95 15.09
N ILE A 59 -10.87 5.95 16.12
CA ILE A 59 -10.37 5.64 17.43
C ILE A 59 -9.84 4.20 17.52
N CYS A 60 -10.52 3.26 16.88
CA CYS A 60 -10.08 1.89 16.91
C CYS A 60 -8.74 1.79 16.23
N HIS A 61 -8.59 2.51 15.13
CA HIS A 61 -7.38 2.48 14.38
C HIS A 61 -6.23 3.03 15.18
N ASP A 62 -6.43 4.12 15.87
CA ASP A 62 -5.39 4.71 16.65
C ASP A 62 -5.02 3.80 17.76
N LEU A 63 -6.01 3.12 18.27
CA LEU A 63 -5.79 2.17 19.31
C LEU A 63 -4.92 1.03 18.84
N PHE A 64 -5.18 0.57 17.64
CA PHE A 64 -4.40 -0.51 17.11
C PHE A 64 -2.99 -0.04 16.98
N LEU A 65 -2.80 1.16 16.49
CA LEU A 65 -1.48 1.70 16.28
C LEU A 65 -0.74 1.86 17.56
N LEU A 66 -1.44 2.22 18.60
CA LEU A 66 -0.81 2.42 19.90
C LEU A 66 -0.30 1.08 20.47
N LEU A 67 -1.05 0.03 20.22
CA LEU A 67 -0.64 -1.32 20.63
C LEU A 67 0.62 -1.77 19.89
N GLY A 68 0.68 -1.43 18.60
CA GLY A 68 1.83 -1.70 17.78
C GLY A 68 3.02 -0.94 18.31
N LYS A 69 2.79 0.31 18.72
CA LYS A 69 3.89 1.17 19.10
C LYS A 69 4.49 0.56 20.36
N TYR A 70 3.64 -0.01 21.17
CA TYR A 70 4.04 -0.58 22.41
C TYR A 70 4.60 -2.01 22.26
N ASN A 71 4.55 -2.56 21.05
CA ASN A 71 5.07 -3.90 20.70
C ASN A 71 4.38 -5.03 21.48
N ILE A 72 3.06 -5.03 21.48
CA ILE A 72 2.31 -6.05 22.15
C ILE A 72 1.34 -6.73 21.21
N LEU A 73 1.57 -6.63 19.91
CA LEU A 73 0.85 -7.51 18.98
C LEU A 73 1.56 -8.89 18.89
N PRO A 74 0.88 -9.88 18.32
CA PRO A 74 1.41 -11.24 18.13
C PRO A 74 2.43 -11.24 16.99
N TYR A 75 3.35 -12.22 17.03
CA TYR A 75 4.33 -12.38 15.96
C TYR A 75 3.98 -13.59 15.14
N ASP A 76 4.04 -13.45 13.82
CA ASP A 76 4.13 -14.64 12.97
C ASP A 76 5.61 -14.94 12.74
N THR A 77 6.14 -15.95 13.43
CA THR A 77 7.56 -16.25 13.27
C THR A 77 7.86 -17.35 12.26
N SER A 78 6.86 -17.76 11.51
CA SER A 78 7.04 -18.88 10.57
C SER A 78 7.80 -18.54 9.28
N ASN A 79 8.46 -19.55 8.69
CA ASN A 79 9.18 -19.40 7.42
C ASN A 79 8.11 -19.38 6.33
N ASP A 80 8.19 -18.43 5.43
CA ASP A 80 7.22 -18.42 4.36
C ASP A 80 7.61 -19.42 3.28
N SER A 81 6.61 -19.99 2.62
CA SER A 81 6.84 -21.00 1.60
C SER A 81 7.66 -20.39 0.48
N ILE A 82 8.65 -21.13 0.01
CA ILE A 82 9.53 -20.63 -1.06
C ILE A 82 8.77 -20.60 -2.40
N TYR A 83 7.56 -21.15 -2.40
CA TYR A 83 6.80 -21.27 -3.62
C TYR A 83 5.86 -20.08 -3.78
N ALA A 84 5.75 -19.25 -2.74
CA ALA A 84 4.97 -18.03 -2.88
C ALA A 84 5.79 -16.76 -2.76
N CYS A 85 7.11 -16.85 -2.81
CA CYS A 85 7.88 -15.63 -2.84
C CYS A 85 7.57 -14.89 -4.16
N THR A 86 7.88 -13.61 -4.25
CA THR A 86 7.59 -12.88 -5.48
C THR A 86 8.52 -11.72 -5.60
N ASN A 87 8.48 -11.07 -6.76
CA ASN A 87 9.34 -9.93 -7.02
C ASN A 87 8.70 -8.91 -7.97
N ILE A 88 9.27 -7.70 -7.96
CA ILE A 88 8.93 -6.63 -8.88
C ILE A 88 10.27 -6.10 -9.32
N LYS A 89 10.65 -6.39 -10.56
CA LYS A 89 12.04 -6.20 -11.00
C LYS A 89 12.96 -6.82 -9.97
N HIS A 90 14.00 -6.08 -9.58
CA HIS A 90 14.99 -6.57 -8.61
C HIS A 90 14.58 -6.42 -7.12
N LEU A 91 13.30 -6.14 -6.87
CA LEU A 91 12.77 -6.01 -5.51
C LEU A 91 12.03 -7.28 -5.14
N ASP A 92 12.53 -7.91 -4.08
CA ASP A 92 12.18 -9.28 -3.71
C ASP A 92 11.32 -9.25 -2.48
N PHE A 93 10.23 -10.01 -2.53
CA PHE A 93 9.30 -10.13 -1.47
C PHE A 93 9.34 -11.56 -0.95
N ILE A 94 9.53 -11.73 0.36
CA ILE A 94 9.54 -13.07 0.93
C ILE A 94 8.17 -13.73 0.83
N ASN A 95 7.13 -12.93 0.70
CA ASN A 95 5.77 -13.48 0.56
C ASN A 95 4.96 -12.39 -0.14
N PRO A 96 3.73 -12.72 -0.60
CA PRO A 96 3.06 -11.81 -1.51
C PRO A 96 2.08 -10.82 -0.85
N PHE A 97 2.00 -10.81 0.47
CA PHE A 97 1.05 -9.90 1.16
C PHE A 97 1.72 -8.78 1.93
N GLY A 98 1.28 -7.55 1.67
CA GLY A 98 1.85 -6.39 2.35
C GLY A 98 0.70 -5.57 2.87
N VAL A 99 0.98 -4.52 3.61
CA VAL A 99 -0.12 -3.65 3.95
C VAL A 99 -0.06 -2.33 3.20
N ALA A 100 -1.24 -1.97 2.72
CA ALA A 100 -1.49 -0.81 1.89
C ALA A 100 -1.23 0.48 2.65
N ALA A 101 -1.01 1.52 1.87
CA ALA A 101 -0.81 2.87 2.36
C ALA A 101 -2.07 3.32 3.12
N GLY A 102 -1.89 4.22 4.09
CA GLY A 102 -3.03 4.77 4.80
C GLY A 102 -3.33 4.06 6.10
N PHE A 103 -2.55 3.00 6.38
CA PHE A 103 -2.72 2.21 7.57
C PHE A 103 -1.80 2.75 8.64
N ASP A 104 -0.51 2.77 8.35
CA ASP A 104 0.47 3.43 9.24
C ASP A 104 1.03 4.65 8.50
N LYS A 105 0.25 5.74 8.50
CA LYS A 105 0.53 6.95 7.75
C LYS A 105 1.88 7.57 8.19
N ASN A 106 2.18 7.52 9.48
CA ASN A 106 3.34 8.16 10.03
C ASN A 106 4.48 7.21 10.41
N GLY A 107 4.38 5.93 9.98
CA GLY A 107 5.40 4.93 10.32
C GLY A 107 5.62 4.80 11.80
N VAL A 108 4.53 4.77 12.57
CA VAL A 108 4.69 4.67 14.03
C VAL A 108 4.82 3.24 14.52
N CYS A 109 4.42 2.25 13.71
CA CYS A 109 4.66 0.90 14.21
C CYS A 109 4.85 -0.07 13.08
N ILE A 110 5.85 0.24 12.27
CA ILE A 110 6.22 -0.59 11.16
C ILE A 110 6.63 -2.01 11.63
N ASP A 111 7.49 -2.11 12.63
CA ASP A 111 7.95 -3.41 13.10
C ASP A 111 6.81 -4.33 13.40
N SER A 112 5.92 -3.86 14.27
CA SER A 112 4.82 -4.65 14.75
C SER A 112 3.83 -5.05 13.69
N ILE A 113 3.55 -4.18 12.73
CA ILE A 113 2.68 -4.59 11.65
C ILE A 113 3.37 -5.61 10.76
N LEU A 114 4.66 -5.42 10.48
CA LEU A 114 5.37 -6.40 9.64
C LEU A 114 5.42 -7.75 10.35
N LYS A 115 5.61 -7.71 11.66
CA LYS A 115 5.79 -8.95 12.43
C LYS A 115 4.52 -9.78 12.52
N LEU A 116 3.39 -9.23 12.08
CA LEU A 116 2.14 -10.00 11.95
C LEU A 116 2.20 -11.03 10.84
N GLY A 117 3.22 -10.97 10.02
CA GLY A 117 3.34 -11.85 8.89
C GLY A 117 3.34 -11.26 7.51
N PHE A 118 3.32 -9.96 7.38
CA PHE A 118 3.37 -9.33 6.08
C PHE A 118 4.79 -9.21 5.55
N SER A 119 4.98 -9.34 4.25
CA SER A 119 6.27 -9.08 3.62
C SER A 119 6.70 -7.63 3.57
N PHE A 120 5.77 -6.74 3.36
CA PHE A 120 6.09 -5.34 3.24
C PHE A 120 4.98 -4.47 3.75
N ILE A 121 5.27 -3.20 3.92
CA ILE A 121 4.28 -2.23 4.25
C ILE A 121 4.52 -0.95 3.49
N GLU A 122 3.47 -0.24 3.14
CA GLU A 122 3.58 1.05 2.53
C GLU A 122 3.11 2.11 3.50
N ILE A 123 4.01 2.92 4.01
CA ILE A 123 3.67 4.00 4.90
C ILE A 123 3.26 5.23 4.15
N GLY A 124 2.63 6.17 4.83
CA GLY A 124 2.07 7.34 4.19
C GLY A 124 0.63 7.07 3.87
N THR A 125 0.00 7.86 3.03
CA THR A 125 0.69 8.89 2.25
C THR A 125 1.20 10.04 3.10
N ILE A 126 2.44 10.47 2.85
CA ILE A 126 2.99 11.64 3.52
C ILE A 126 2.97 12.91 2.65
N THR A 127 3.11 14.07 3.29
CA THR A 127 3.22 15.34 2.59
C THR A 127 4.39 16.09 3.19
N PRO A 128 4.90 17.12 2.48
CA PRO A 128 6.03 17.87 3.00
C PRO A 128 5.85 18.37 4.41
N ARG A 129 4.67 18.93 4.69
CA ARG A 129 4.36 19.52 6.00
C ARG A 129 3.26 18.69 6.64
N GLY A 130 3.29 18.65 7.97
CA GLY A 130 2.25 18.03 8.75
C GLY A 130 0.93 18.71 8.49
N GLN A 131 -0.15 17.91 8.52
CA GLN A 131 -1.51 18.28 8.13
C GLN A 131 -2.52 17.53 8.99
N THR A 132 -3.58 18.22 9.43
CA THR A 132 -4.65 17.62 10.23
C THR A 132 -5.59 16.74 9.39
N GLY A 133 -5.72 17.06 8.11
CA GLY A 133 -6.71 16.38 7.28
C GLY A 133 -8.08 17.04 7.46
N ASN A 134 -9.10 16.41 6.90
CA ASN A 134 -10.47 16.89 6.95
C ASN A 134 -11.14 16.73 8.32
N ALA A 135 -12.38 17.19 8.45
CA ALA A 135 -13.12 17.16 9.71
C ALA A 135 -13.54 15.74 10.11
N LYS A 136 -13.37 15.44 11.41
CA LYS A 136 -13.83 14.19 12.04
C LYS A 136 -15.33 14.25 12.33
N PRO A 137 -16.03 13.11 12.26
CA PRO A 137 -15.55 11.79 11.89
C PRO A 137 -15.40 11.68 10.38
N ARG A 138 -14.37 10.95 9.96
CA ARG A 138 -14.06 10.87 8.55
C ARG A 138 -13.77 9.40 8.18
N ILE A 139 -14.09 8.47 9.07
CA ILE A 139 -13.94 7.05 8.72
C ILE A 139 -15.15 6.28 9.24
N PHE A 140 -15.81 5.54 8.34
CA PHE A 140 -16.94 4.69 8.76
C PHE A 140 -16.84 3.27 8.17
N ARG A 141 -17.28 2.29 8.93
CA ARG A 141 -17.22 0.91 8.53
C ARG A 141 -18.59 0.27 8.44
N ASP A 142 -18.82 -0.54 7.43
CA ASP A 142 -20.01 -1.34 7.41
C ASP A 142 -19.58 -2.78 7.50
N VAL A 143 -19.78 -3.40 8.64
CA VAL A 143 -19.28 -4.72 8.87
C VAL A 143 -19.86 -5.80 8.00
N GLU A 144 -21.16 -5.77 7.82
CA GLU A 144 -21.85 -6.82 7.09
C GLU A 144 -21.41 -6.88 5.65
N SER A 145 -21.17 -5.75 5.05
CA SER A 145 -20.70 -5.74 3.69
C SER A 145 -19.19 -5.68 3.69
N ARG A 146 -18.60 -5.61 4.87
CA ARG A 146 -17.15 -5.56 4.93
C ARG A 146 -16.58 -4.43 4.09
N SER A 147 -17.13 -3.23 4.26
CA SER A 147 -16.67 -2.10 3.52
C SER A 147 -16.35 -0.92 4.40
N ILE A 148 -15.53 -0.02 3.91
CA ILE A 148 -15.14 1.17 4.67
C ILE A 148 -15.34 2.38 3.78
N ILE A 149 -15.70 3.52 4.35
CA ILE A 149 -15.59 4.77 3.60
C ILE A 149 -14.75 5.73 4.39
N ASN A 150 -13.95 6.51 3.70
CA ASN A 150 -13.17 7.53 4.36
C ASN A 150 -13.03 8.81 3.58
N SER A 151 -12.86 9.90 4.31
CA SER A 151 -12.50 11.20 3.77
C SER A 151 -11.41 11.84 4.66
N CYS A 152 -10.30 11.12 4.82
CA CYS A 152 -9.27 11.53 5.77
C CYS A 152 -8.59 12.81 5.36
N GLY A 153 -8.26 12.93 4.07
CA GLY A 153 -7.62 14.11 3.52
C GLY A 153 -6.14 14.19 3.80
N PHE A 154 -5.43 13.05 3.75
CA PHE A 154 -3.99 13.03 3.99
C PHE A 154 -3.59 13.60 5.34
N ASN A 155 -4.25 13.17 6.39
CA ASN A 155 -3.78 13.53 7.72
C ASN A 155 -2.45 12.86 7.99
N ASN A 156 -1.40 13.61 8.24
CA ASN A 156 -0.12 13.00 8.58
C ASN A 156 0.77 13.99 9.28
N MET A 157 1.83 13.50 9.90
CA MET A 157 2.71 14.32 10.69
C MET A 157 3.69 15.10 9.83
N GLY A 158 3.73 14.81 8.53
CA GLY A 158 4.69 15.47 7.66
C GLY A 158 6.01 14.73 7.52
N CYS A 159 6.69 15.01 6.41
CA CYS A 159 7.87 14.31 5.97
C CYS A 159 9.01 14.18 6.98
N ASP A 160 9.31 15.27 7.68
CA ASP A 160 10.44 15.34 8.57
C ASP A 160 10.24 14.38 9.75
N LYS A 161 9.06 14.41 10.35
CA LYS A 161 8.75 13.49 11.43
C LYS A 161 8.67 12.02 10.94
N VAL A 162 8.04 11.79 9.79
CA VAL A 162 7.89 10.43 9.32
C VAL A 162 9.27 9.87 8.95
N THR A 163 10.12 10.74 8.41
CA THR A 163 11.48 10.37 8.02
C THR A 163 12.23 9.97 9.29
N GLU A 164 12.14 10.79 10.33
CA GLU A 164 12.71 10.40 11.61
C GLU A 164 12.22 9.01 12.09
N ASN A 165 10.92 8.71 11.91
CA ASN A 165 10.36 7.42 12.33
C ASN A 165 10.90 6.27 11.48
N LEU A 166 11.04 6.51 10.18
CA LEU A 166 11.58 5.50 9.29
C LEU A 166 13.06 5.22 9.66
N ILE A 167 13.76 6.27 10.02
CA ILE A 167 15.17 6.12 10.33
C ILE A 167 15.29 5.21 11.54
N LEU A 168 14.48 5.44 12.55
CA LEU A 168 14.54 4.62 13.75
C LEU A 168 14.15 3.17 13.44
N PHE A 169 13.13 3.00 12.61
CA PHE A 169 12.82 1.68 12.15
C PHE A 169 14.03 0.99 11.51
N ARG A 170 14.66 1.67 10.55
CA ARG A 170 15.80 1.10 9.82
C ARG A 170 16.94 0.73 10.74
N LYS A 171 17.19 1.51 11.79
CA LYS A 171 18.16 1.10 12.83
C LYS A 171 17.72 -0.16 13.58
N ARG A 172 16.47 -0.23 14.00
CA ARG A 172 15.99 -1.46 14.62
C ARG A 172 16.08 -2.62 13.64
N GLN A 173 15.75 -2.38 12.37
CA GLN A 173 15.74 -3.47 11.41
C GLN A 173 17.09 -4.21 11.43
N GLU A 174 18.19 -3.46 11.56
CA GLU A 174 19.54 -4.04 11.54
C GLU A 174 19.81 -4.98 12.73
N GLU A 175 19.04 -4.81 13.78
CA GLU A 175 19.24 -5.54 15.02
C GLU A 175 18.21 -6.64 15.24
N ASP A 176 17.14 -6.67 14.45
CA ASP A 176 15.99 -7.56 14.66
C ASP A 176 15.85 -8.60 13.56
N LYS A 177 16.04 -9.86 13.97
CA LYS A 177 16.06 -11.03 13.11
C LYS A 177 14.79 -11.18 12.30
N LEU A 178 13.68 -10.73 12.86
CA LEU A 178 12.38 -10.84 12.21
C LEU A 178 12.13 -9.79 11.14
N LEU A 179 12.96 -8.77 11.07
CA LEU A 179 12.67 -7.66 10.13
C LEU A 179 13.55 -7.70 8.88
N SER A 180 14.51 -8.61 8.88
CA SER A 180 15.46 -8.68 7.78
C SER A 180 14.70 -9.10 6.55
N LYS A 181 15.08 -8.55 5.42
CA LYS A 181 14.38 -8.78 4.15
C LYS A 181 12.95 -8.24 4.08
N HIS A 182 12.48 -7.51 5.08
CA HIS A 182 11.14 -6.94 4.95
C HIS A 182 11.22 -5.62 4.16
N ILE A 183 10.26 -5.40 3.27
CA ILE A 183 10.24 -4.23 2.44
C ILE A 183 9.36 -3.08 3.03
N VAL A 184 9.89 -1.84 2.99
CA VAL A 184 9.09 -0.65 3.31
C VAL A 184 9.09 0.38 2.16
N GLY A 185 7.91 0.56 1.57
CA GLY A 185 7.69 1.62 0.61
C GLY A 185 7.07 2.82 1.30
N VAL A 186 7.21 3.99 0.68
CA VAL A 186 6.72 5.22 1.22
C VAL A 186 5.80 5.85 0.18
N SER A 187 4.53 6.05 0.55
CA SER A 187 3.59 6.69 -0.38
C SER A 187 3.74 8.22 -0.25
N ILE A 188 3.88 8.92 -1.37
CA ILE A 188 4.06 10.39 -1.27
C ILE A 188 2.98 11.20 -2.00
N GLY A 189 2.70 12.38 -1.46
CA GLY A 189 1.61 13.21 -1.96
C GLY A 189 1.83 14.69 -1.69
N LYS A 190 0.76 15.48 -1.79
CA LYS A 190 0.86 16.95 -1.68
C LYS A 190 0.04 17.50 -0.52
N ASN A 191 0.53 18.56 0.13
CA ASN A 191 -0.31 19.30 1.10
C ASN A 191 -1.59 19.84 0.43
N LYS A 192 -2.66 20.05 1.20
CA LYS A 192 -3.92 20.38 0.51
C LYS A 192 -3.96 21.77 -0.10
N ASP A 193 -3.23 22.72 0.48
CA ASP A 193 -3.14 24.09 -0.09
C ASP A 193 -1.97 24.26 -1.09
N THR A 194 -1.27 23.16 -1.36
CA THR A 194 -0.13 23.21 -2.29
C THR A 194 -0.63 23.32 -3.71
N VAL A 195 -0.08 24.28 -4.44
CA VAL A 195 -0.43 24.46 -5.84
C VAL A 195 0.40 23.53 -6.75
N ASN A 196 1.72 23.53 -6.59
CA ASN A 196 2.61 22.64 -7.36
C ASN A 196 2.87 21.26 -6.73
N ILE A 197 2.08 20.25 -7.09
CA ILE A 197 2.35 18.86 -6.73
C ILE A 197 3.84 18.48 -6.81
N VAL A 198 4.50 18.80 -7.94
CA VAL A 198 5.87 18.35 -8.18
C VAL A 198 6.84 18.79 -7.09
N ASP A 199 6.70 20.05 -6.64
CA ASP A 199 7.55 20.57 -5.59
C ASP A 199 7.36 19.78 -4.29
N ASP A 200 6.12 19.32 -4.04
CA ASP A 200 5.81 18.52 -2.87
C ASP A 200 6.51 17.14 -3.00
N LEU A 201 6.33 16.49 -4.14
CA LEU A 201 7.00 15.22 -4.42
C LEU A 201 8.50 15.33 -4.29
N LYS A 202 9.08 16.41 -4.78
CA LYS A 202 10.53 16.49 -4.81
C LYS A 202 11.05 16.61 -3.41
N TYR A 203 10.39 17.45 -2.62
CA TYR A 203 10.81 17.65 -1.26
C TYR A 203 10.77 16.31 -0.47
N CYS A 204 9.71 15.52 -0.66
CA CYS A 204 9.58 14.23 0.03
C CYS A 204 10.77 13.33 -0.34
N ILE A 205 11.00 13.22 -1.65
CA ILE A 205 12.08 12.41 -2.15
C ILE A 205 13.42 12.76 -1.50
N ASN A 206 13.76 14.04 -1.44
CA ASN A 206 15.05 14.43 -0.86
C ASN A 206 15.12 14.20 0.63
N LYS A 207 13.98 14.11 1.28
CA LYS A 207 14.01 13.87 2.71
C LYS A 207 14.08 12.38 3.09
N ILE A 208 13.26 11.57 2.43
CA ILE A 208 13.00 10.23 2.95
C ILE A 208 13.44 9.14 1.95
N GLY A 209 13.70 9.54 0.71
CA GLY A 209 14.05 8.61 -0.37
C GLY A 209 15.14 7.60 -0.06
N ARG A 210 16.12 8.01 0.72
CA ARG A 210 17.27 7.19 1.03
C ARG A 210 16.87 5.98 1.87
N TYR A 211 15.73 6.09 2.57
CA TYR A 211 15.29 5.13 3.55
C TYR A 211 14.19 4.23 3.04
N ALA A 212 13.79 4.45 1.78
CA ALA A 212 12.70 3.71 1.17
C ALA A 212 13.19 2.71 0.15
N ASP A 213 12.56 1.53 0.14
CA ASP A 213 12.80 0.52 -0.88
C ASP A 213 12.04 0.82 -2.14
N TYR A 214 10.89 1.47 -2.00
CA TYR A 214 10.20 2.05 -3.13
C TYR A 214 9.37 3.26 -2.70
N ILE A 215 9.00 4.07 -3.68
CA ILE A 215 8.24 5.31 -3.50
C ILE A 215 6.97 5.14 -4.32
N ALA A 216 5.81 5.27 -3.68
CA ALA A 216 4.52 5.24 -4.41
C ALA A 216 3.97 6.67 -4.58
N ILE A 217 3.79 7.09 -5.82
CA ILE A 217 3.31 8.45 -6.13
C ILE A 217 1.81 8.38 -6.04
N ASN A 218 1.24 9.06 -5.06
CA ASN A 218 -0.22 9.01 -4.88
C ASN A 218 -0.88 10.17 -5.64
N VAL A 219 -1.50 9.84 -6.79
CA VAL A 219 -2.26 10.82 -7.57
C VAL A 219 -3.72 10.42 -7.64
N SER A 220 -4.16 9.59 -6.69
CA SER A 220 -5.45 8.92 -6.74
C SER A 220 -6.36 9.00 -5.50
N SER A 221 -5.94 9.66 -4.41
CA SER A 221 -6.85 9.93 -3.27
C SER A 221 -8.07 10.76 -3.70
N PRO A 222 -9.27 10.35 -3.28
CA PRO A 222 -10.37 11.22 -3.62
C PRO A 222 -10.73 12.14 -2.45
N ASN A 223 -9.72 12.58 -1.67
CA ASN A 223 -9.99 13.40 -0.49
C ASN A 223 -9.22 14.71 -0.36
N THR A 224 -8.30 14.97 -1.29
CA THR A 224 -7.78 16.34 -1.47
C THR A 224 -8.11 16.86 -2.90
N PRO A 225 -8.95 17.92 -2.99
CA PRO A 225 -9.22 18.50 -4.33
C PRO A 225 -7.98 19.16 -5.00
N GLY A 226 -7.74 18.91 -6.29
CA GLY A 226 -8.43 17.90 -7.07
C GLY A 226 -7.62 16.62 -6.85
N LEU A 227 -6.33 16.71 -7.20
CA LEU A 227 -5.35 15.59 -7.13
C LEU A 227 -5.58 14.49 -8.15
N ARG A 228 -6.81 14.01 -8.24
CA ARG A 228 -7.20 12.92 -9.13
C ARG A 228 -7.02 13.34 -10.60
N ASP A 229 -7.07 14.65 -10.83
CA ASP A 229 -6.85 15.25 -12.16
C ASP A 229 -5.39 15.24 -12.62
N ASN A 230 -4.47 15.01 -11.68
CA ASN A 230 -3.04 14.75 -11.98
C ASN A 230 -2.78 13.43 -12.70
N GLN A 231 -3.80 12.59 -12.80
CA GLN A 231 -3.72 11.36 -13.61
C GLN A 231 -3.92 11.60 -15.12
N GLU A 232 -4.28 12.82 -15.50
CA GLU A 232 -4.28 13.22 -16.92
C GLU A 232 -2.84 13.08 -17.42
N ALA A 233 -2.71 12.53 -18.64
CA ALA A 233 -1.45 12.02 -19.20
C ALA A 233 -0.25 12.97 -19.19
N GLY A 234 -0.48 14.23 -19.58
CA GLY A 234 0.60 15.22 -19.62
C GLY A 234 1.18 15.54 -18.27
N LYS A 235 0.32 15.78 -17.29
CA LYS A 235 0.80 16.07 -15.94
C LYS A 235 1.48 14.85 -15.30
N LEU A 236 0.86 13.66 -15.44
CA LEU A 236 1.47 12.40 -14.96
C LEU A 236 2.87 12.13 -15.49
N LYS A 237 3.05 12.23 -16.81
CA LYS A 237 4.36 12.05 -17.41
C LYS A 237 5.37 12.96 -16.73
N ASN A 238 5.03 14.25 -16.66
CA ASN A 238 5.93 15.22 -16.05
C ASN A 238 6.23 14.81 -14.61
N ILE A 239 5.19 14.34 -13.91
CA ILE A 239 5.33 13.94 -12.52
C ILE A 239 6.28 12.75 -12.33
N ILE A 240 6.08 11.69 -13.12
CA ILE A 240 6.95 10.52 -13.02
C ILE A 240 8.41 10.90 -13.24
N LEU A 241 8.67 11.69 -14.28
CA LEU A 241 10.02 12.04 -14.66
C LEU A 241 10.74 12.84 -13.61
N SER A 242 10.05 13.81 -13.01
CA SER A 242 10.60 14.60 -11.90
C SER A 242 10.89 13.71 -10.68
N VAL A 243 9.99 12.77 -10.41
CA VAL A 243 10.21 11.83 -9.31
C VAL A 243 11.50 11.05 -9.57
N LYS A 244 11.53 10.38 -10.71
CA LYS A 244 12.70 9.59 -11.10
C LYS A 244 13.99 10.40 -11.09
N GLU A 245 13.90 11.63 -11.57
CA GLU A 245 15.04 12.55 -11.59
C GLU A 245 15.55 12.91 -10.18
N GLU A 246 14.65 13.26 -9.26
CA GLU A 246 15.11 13.65 -7.92
C GLU A 246 15.79 12.48 -7.21
N ILE A 247 15.30 11.27 -7.47
CA ILE A 247 15.84 10.02 -6.88
C ILE A 247 17.26 9.80 -7.36
N ASP A 248 17.44 9.85 -8.68
CA ASP A 248 18.79 9.84 -9.27
C ASP A 248 19.76 10.84 -8.69
N ASN A 249 19.28 12.04 -8.35
CA ASN A 249 20.15 13.09 -7.83
C ASN A 249 20.53 12.88 -6.38
N LEU A 250 19.81 11.97 -5.71
CA LEU A 250 20.18 11.53 -4.36
C LEU A 250 21.61 10.98 -4.37
N GLU A 251 21.88 10.12 -5.35
CA GLU A 251 23.16 9.45 -5.55
C GLU A 251 24.37 10.33 -5.89
N LYS A 252 24.13 11.56 -6.32
CA LYS A 252 25.20 12.35 -6.91
C LYS A 252 25.97 13.24 -5.93
N ASN A 253 25.28 13.74 -4.92
CA ASN A 253 25.89 14.64 -3.96
C ASN A 253 26.95 13.97 -3.09
N ASN A 254 26.64 12.76 -2.62
CA ASN A 254 27.32 12.12 -1.48
C ASN A 254 28.69 11.47 -1.73
N ILE A 255 29.48 11.40 -0.67
CA ILE A 255 30.82 10.86 -0.76
C ILE A 255 30.94 9.35 -0.42
N MET A 256 29.90 8.79 0.18
CA MET A 256 29.90 7.42 0.63
C MET A 256 29.55 6.37 -0.39
N ASN A 257 29.89 5.14 -0.04
CA ASN A 257 29.59 3.98 -0.82
C ASN A 257 28.11 3.75 -0.82
N ASP A 258 27.61 3.02 -1.78
CA ASP A 258 26.21 2.72 -1.87
C ASP A 258 25.77 1.99 -0.64
N GLU A 259 26.63 1.20 -0.08
CA GLU A 259 26.19 0.43 1.04
C GLU A 259 25.71 1.44 2.03
N PHE A 260 26.37 2.57 2.16
CA PHE A 260 25.91 3.52 3.12
C PHE A 260 24.94 4.59 2.66
N LEU A 261 24.81 4.80 1.36
CA LEU A 261 23.84 5.76 0.90
C LEU A 261 22.42 5.31 1.10
N TRP A 262 22.17 4.07 0.73
CA TRP A 262 20.84 3.55 0.79
C TRP A 262 20.64 2.80 2.07
N PHE A 263 19.98 3.46 2.99
CA PHE A 263 19.78 2.87 4.29
C PHE A 263 18.36 2.28 4.30
N ASN A 264 18.17 1.30 3.43
CA ASN A 264 16.90 0.66 3.25
C ASN A 264 17.13 -0.86 3.22
N THR A 265 16.22 -1.62 2.62
CA THR A 265 16.38 -3.06 2.66
C THR A 265 17.19 -3.57 1.47
N THR A 266 16.92 -3.05 0.28
CA THR A 266 17.52 -3.53 -0.95
C THR A 266 18.96 -3.04 -1.13
N LYS A 267 19.32 -2.01 -0.38
CA LYS A 267 20.60 -1.28 -0.51
C LYS A 267 20.81 -0.57 -1.89
N LYS A 268 19.69 -0.26 -2.57
CA LYS A 268 19.71 0.37 -3.90
C LYS A 268 18.67 1.50 -3.96
N LYS A 269 18.71 2.32 -5.03
CA LYS A 269 17.76 3.42 -5.12
C LYS A 269 16.30 2.88 -5.05
N PRO A 270 15.39 3.64 -4.42
CA PRO A 270 14.02 3.12 -4.35
C PRO A 270 13.41 3.00 -5.75
N LEU A 271 12.64 1.95 -5.97
CA LEU A 271 11.82 1.84 -7.15
C LEU A 271 10.69 2.90 -7.19
N VAL A 272 10.11 3.12 -8.36
CA VAL A 272 9.04 4.11 -8.47
C VAL A 272 7.75 3.48 -8.93
N PHE A 273 6.71 3.65 -8.10
CA PHE A 273 5.38 3.20 -8.48
C PHE A 273 4.43 4.38 -8.50
N VAL A 274 3.29 4.15 -9.17
CA VAL A 274 2.19 5.09 -9.18
C VAL A 274 0.94 4.33 -8.80
N LYS A 275 0.18 4.89 -7.86
CA LYS A 275 -1.13 4.33 -7.53
C LYS A 275 -2.26 5.07 -8.26
N LEU A 276 -3.07 4.31 -8.99
CA LEU A 276 -4.18 4.81 -9.78
C LEU A 276 -5.54 4.61 -9.09
N ALA A 277 -6.47 5.55 -9.33
CA ALA A 277 -7.87 5.42 -8.88
C ALA A 277 -8.60 4.65 -9.92
N PRO A 278 -9.64 3.89 -9.54
CA PRO A 278 -10.38 3.11 -10.52
C PRO A 278 -11.47 3.93 -11.25
N ASP A 279 -11.73 5.16 -10.80
CA ASP A 279 -12.81 6.01 -11.37
C ASP A 279 -12.31 6.80 -12.59
N LEU A 280 -12.02 6.06 -13.67
CA LEU A 280 -11.46 6.61 -14.89
C LEU A 280 -12.10 5.99 -16.13
N ASN A 281 -12.12 6.79 -17.21
CA ASN A 281 -12.66 6.35 -18.49
C ASN A 281 -11.70 5.40 -19.21
N GLN A 282 -12.24 4.56 -20.09
CA GLN A 282 -11.40 3.61 -20.85
C GLN A 282 -10.28 4.31 -21.64
N GLU A 283 -10.59 5.47 -22.23
CA GLU A 283 -9.60 6.25 -22.99
C GLU A 283 -8.51 6.80 -22.08
N GLN A 284 -8.92 7.30 -20.92
CA GLN A 284 -7.99 7.78 -19.90
C GLN A 284 -6.98 6.67 -19.56
N LYS A 285 -7.51 5.50 -19.23
CA LYS A 285 -6.71 4.30 -18.89
C LYS A 285 -5.63 3.95 -19.91
N LYS A 286 -6.02 3.94 -21.19
CA LYS A 286 -5.12 3.55 -22.26
C LYS A 286 -4.05 4.60 -22.38
N GLU A 287 -4.42 5.85 -22.11
CA GLU A 287 -3.50 6.97 -22.17
C GLU A 287 -2.52 6.98 -20.99
N ILE A 288 -2.99 6.59 -19.81
CA ILE A 288 -2.09 6.44 -18.65
C ILE A 288 -1.14 5.27 -18.90
N ALA A 289 -1.68 4.16 -19.41
CA ALA A 289 -0.87 3.01 -19.82
C ALA A 289 0.35 3.41 -20.67
N ASP A 290 0.10 4.25 -21.67
CA ASP A 290 1.12 4.80 -22.56
C ASP A 290 2.27 5.52 -21.87
N VAL A 291 1.93 6.45 -20.98
CA VAL A 291 2.92 7.24 -20.24
C VAL A 291 3.76 6.39 -19.27
N LEU A 292 3.17 5.31 -18.76
CA LEU A 292 3.90 4.44 -17.83
C LEU A 292 5.04 3.74 -18.54
N LEU A 293 4.74 3.19 -19.74
CA LEU A 293 5.73 2.58 -20.63
C LEU A 293 6.76 3.58 -21.08
N GLU A 294 6.31 4.77 -21.50
CA GLU A 294 7.21 5.86 -21.93
C GLU A 294 8.22 6.27 -20.84
N THR A 295 7.75 6.46 -19.61
CA THR A 295 8.63 6.88 -18.51
C THR A 295 9.40 5.70 -17.88
N ASN A 296 8.98 4.47 -18.20
CA ASN A 296 9.66 3.26 -17.71
C ASN A 296 9.52 3.21 -16.19
N ILE A 297 8.27 3.30 -15.74
CA ILE A 297 7.98 3.26 -14.34
C ILE A 297 8.14 1.80 -13.88
N ASP A 298 8.67 1.64 -12.67
CA ASP A 298 8.93 0.31 -12.10
C ASP A 298 7.67 -0.50 -11.75
N GLY A 299 6.55 0.16 -11.46
CA GLY A 299 5.30 -0.58 -11.21
C GLY A 299 4.03 0.23 -11.04
N MET A 300 2.89 -0.46 -11.04
CA MET A 300 1.64 0.22 -10.78
C MET A 300 0.81 -0.45 -9.72
N ILE A 301 0.27 0.38 -8.83
CA ILE A 301 -0.61 -0.08 -7.76
C ILE A 301 -2.01 0.17 -8.21
N ILE A 302 -2.74 -0.93 -8.35
CA ILE A 302 -4.10 -0.88 -8.76
C ILE A 302 -4.90 -1.61 -7.71
N SER A 303 -5.76 -0.90 -6.98
CA SER A 303 -6.09 0.53 -7.21
C SER A 303 -6.41 1.25 -5.90
N ASN A 304 -6.65 2.55 -5.98
CA ASN A 304 -7.07 3.31 -4.81
C ASN A 304 -8.57 3.14 -4.62
N THR A 305 -9.15 3.89 -3.69
CA THR A 305 -10.57 3.75 -3.36
C THR A 305 -11.48 4.30 -4.45
N THR A 306 -12.75 3.91 -4.41
CA THR A 306 -13.74 4.35 -5.40
C THR A 306 -14.86 5.20 -4.79
N THR A 307 -15.42 6.09 -5.59
CA THR A 307 -16.62 6.89 -5.20
C THR A 307 -17.88 6.44 -5.93
N GLN A 308 -17.74 5.40 -6.76
CA GLN A 308 -18.82 4.93 -7.64
C GLN A 308 -19.70 3.87 -7.01
N ILE A 309 -19.67 3.76 -5.69
CA ILE A 309 -20.48 2.75 -5.00
C ILE A 309 -21.70 3.35 -4.30
N ASN A 310 -22.88 2.88 -4.69
CA ASN A 310 -24.17 3.52 -4.40
C ASN A 310 -25.05 2.74 -3.43
N ASP A 311 -24.84 1.43 -3.34
CA ASP A 311 -25.80 0.56 -2.65
C ASP A 311 -25.51 0.24 -1.18
N ILE A 312 -24.65 1.03 -0.53
CA ILE A 312 -24.36 0.79 0.88
C ILE A 312 -25.14 1.78 1.71
N LYS A 313 -26.20 1.29 2.36
CA LYS A 313 -27.22 2.15 2.98
C LYS A 313 -26.67 3.02 4.12
N SER A 314 -25.82 2.43 4.97
CA SER A 314 -25.20 3.20 6.04
C SER A 314 -24.25 4.26 5.49
N PHE A 315 -23.96 4.20 4.19
CA PHE A 315 -23.02 5.15 3.57
C PHE A 315 -23.65 6.24 2.70
N GLU A 316 -24.99 6.33 2.73
CA GLU A 316 -25.69 7.41 2.03
C GLU A 316 -25.40 8.71 2.76
N ASN A 317 -25.37 8.65 4.08
CA ASN A 317 -25.02 9.82 4.91
C ASN A 317 -23.68 10.42 4.44
N LYS A 318 -22.75 9.54 4.04
CA LYS A 318 -21.31 9.78 4.14
C LYS A 318 -20.58 10.19 2.85
N LYS A 319 -19.45 10.87 3.01
CA LYS A 319 -18.62 11.32 1.90
C LYS A 319 -17.23 10.65 1.85
N GLY A 320 -16.74 10.42 0.62
CA GLY A 320 -15.35 10.02 0.42
C GLY A 320 -15.13 8.77 -0.39
N GLY A 321 -13.98 8.13 -0.16
CA GLY A 321 -13.59 6.94 -0.92
C GLY A 321 -13.96 5.63 -0.25
N VAL A 322 -14.36 4.65 -1.05
CA VAL A 322 -14.92 3.39 -0.56
C VAL A 322 -13.91 2.22 -0.67
N SER A 323 -13.75 1.48 0.43
CA SER A 323 -12.88 0.32 0.51
C SER A 323 -13.63 -0.98 0.79
N GLY A 324 -12.96 -2.12 0.62
CA GLY A 324 -13.47 -3.40 1.05
C GLY A 324 -14.09 -4.28 -0.02
N ALA A 325 -14.96 -5.18 0.41
CA ALA A 325 -15.51 -6.20 -0.46
C ALA A 325 -16.11 -5.67 -1.76
N LYS A 326 -16.87 -4.58 -1.67
CA LYS A 326 -17.58 -4.06 -2.84
C LYS A 326 -16.64 -3.52 -3.93
N LEU A 327 -15.40 -3.22 -3.52
CA LEU A 327 -14.37 -2.73 -4.42
C LEU A 327 -13.67 -3.87 -5.21
N LYS A 328 -13.88 -5.11 -4.79
CA LYS A 328 -13.06 -6.21 -5.31
C LYS A 328 -13.21 -6.39 -6.83
N ASP A 329 -14.44 -6.61 -7.30
CA ASP A 329 -14.67 -6.79 -8.75
C ASP A 329 -14.12 -5.63 -9.62
N ILE A 330 -14.45 -4.40 -9.23
CA ILE A 330 -14.03 -3.22 -9.98
C ILE A 330 -12.51 -3.20 -10.11
N SER A 331 -11.85 -3.42 -8.96
CA SER A 331 -10.41 -3.41 -8.86
C SER A 331 -9.77 -4.51 -9.69
N THR A 332 -10.36 -5.71 -9.63
CA THR A 332 -9.87 -6.85 -10.42
C THR A 332 -9.90 -6.46 -11.89
N LYS A 333 -11.08 -6.15 -12.43
CA LYS A 333 -11.23 -5.77 -13.84
C LYS A 333 -10.21 -4.69 -14.23
N PHE A 334 -9.94 -3.76 -13.33
CA PHE A 334 -9.00 -2.67 -13.60
C PHE A 334 -7.57 -3.19 -13.80
N ILE A 335 -7.22 -4.25 -13.07
CA ILE A 335 -5.94 -4.91 -13.25
C ILE A 335 -5.87 -5.53 -14.64
N CYS A 336 -6.88 -6.30 -15.02
CA CYS A 336 -6.91 -6.90 -16.34
C CYS A 336 -6.59 -5.88 -17.42
N GLU A 337 -7.42 -4.84 -17.49
CA GLU A 337 -7.27 -3.78 -18.50
C GLU A 337 -5.83 -3.22 -18.55
N MET A 338 -5.29 -2.79 -17.41
CA MET A 338 -3.98 -2.15 -17.39
C MET A 338 -2.83 -3.09 -17.80
N TYR A 339 -2.94 -4.36 -17.42
CA TYR A 339 -2.00 -5.41 -17.83
C TYR A 339 -2.02 -5.54 -19.35
N ASN A 340 -3.25 -5.66 -19.89
CA ASN A 340 -3.49 -5.63 -21.33
C ASN A 340 -2.89 -4.38 -21.98
N TYR A 341 -3.40 -3.21 -21.60
CA TYR A 341 -2.93 -1.93 -22.17
C TYR A 341 -1.43 -1.63 -22.03
N THR A 342 -0.73 -2.35 -21.15
CA THR A 342 0.72 -2.15 -21.04
C THR A 342 1.48 -3.35 -21.57
N ASN A 343 0.77 -4.29 -22.19
CA ASN A 343 1.39 -5.49 -22.80
C ASN A 343 2.15 -6.33 -21.79
N LYS A 344 1.57 -6.45 -20.59
CA LYS A 344 2.18 -7.23 -19.52
C LYS A 344 3.57 -6.71 -19.16
N GLN A 345 3.85 -5.43 -19.43
CA GLN A 345 5.19 -4.90 -19.20
C GLN A 345 5.42 -4.22 -17.83
N ILE A 346 4.36 -3.76 -17.20
CA ILE A 346 4.49 -2.98 -15.96
C ILE A 346 3.96 -3.83 -14.81
N PRO A 347 4.86 -4.27 -13.90
CA PRO A 347 4.47 -5.01 -12.71
C PRO A 347 3.32 -4.32 -11.94
N ILE A 348 2.32 -5.11 -11.60
CA ILE A 348 1.17 -4.64 -10.84
C ILE A 348 1.23 -5.09 -9.37
N ILE A 349 0.92 -4.13 -8.49
CA ILE A 349 0.65 -4.36 -7.09
C ILE A 349 -0.88 -4.24 -6.95
N ALA A 350 -1.52 -5.25 -6.36
CA ALA A 350 -2.98 -5.26 -6.29
C ALA A 350 -3.55 -4.69 -5.00
N SER A 351 -4.65 -3.94 -5.12
CA SER A 351 -5.44 -3.38 -4.00
C SER A 351 -6.83 -3.10 -4.63
N GLY A 352 -7.99 -3.34 -4.01
CA GLY A 352 -8.21 -4.06 -2.80
C GLY A 352 -9.46 -4.93 -2.97
N GLY A 353 -10.25 -5.07 -1.91
CA GLY A 353 -11.19 -6.17 -1.84
C GLY A 353 -10.59 -7.54 -1.51
N ILE A 354 -9.26 -7.60 -1.29
CA ILE A 354 -8.58 -8.89 -1.00
C ILE A 354 -8.75 -9.36 0.46
N PHE A 355 -9.49 -10.45 0.64
CA PHE A 355 -9.78 -11.02 1.96
C PHE A 355 -9.35 -12.49 2.03
N SER A 356 -9.57 -13.22 0.96
CA SER A 356 -9.27 -14.64 0.94
C SER A 356 -8.06 -14.99 0.05
N GLY A 357 -7.60 -16.24 0.19
CA GLY A 357 -6.57 -16.77 -0.71
C GLY A 357 -7.10 -16.79 -2.12
N LEU A 358 -8.40 -17.01 -2.21
CA LEU A 358 -9.09 -17.04 -3.48
C LEU A 358 -9.12 -15.63 -4.10
N ASP A 359 -9.57 -14.65 -3.32
CA ASP A 359 -9.53 -13.23 -3.72
C ASP A 359 -8.13 -12.95 -4.23
N ALA A 360 -7.14 -13.41 -3.47
CA ALA A 360 -5.73 -13.17 -3.77
C ALA A 360 -5.27 -13.78 -5.08
N LEU A 361 -5.68 -15.01 -5.37
CA LEU A 361 -5.31 -15.67 -6.65
C LEU A 361 -5.96 -14.99 -7.83
N GLU A 362 -7.20 -14.54 -7.65
CA GLU A 362 -7.84 -13.75 -8.68
C GLU A 362 -6.95 -12.58 -9.10
N LYS A 363 -6.47 -11.80 -8.13
CA LYS A 363 -5.59 -10.68 -8.45
C LYS A 363 -4.36 -11.15 -9.21
N ILE A 364 -3.80 -12.25 -8.76
CA ILE A 364 -2.55 -12.74 -9.32
C ILE A 364 -2.76 -13.24 -10.75
N GLU A 365 -3.84 -14.00 -10.95
CA GLU A 365 -4.21 -14.47 -12.28
C GLU A 365 -4.48 -13.29 -13.21
N ALA A 366 -5.19 -12.28 -12.69
CA ALA A 366 -5.46 -11.05 -13.46
C ALA A 366 -4.20 -10.27 -13.83
N GLY A 367 -3.08 -10.52 -13.14
CA GLY A 367 -1.81 -9.89 -13.50
C GLY A 367 -0.97 -9.23 -12.41
N ALA A 368 -1.47 -9.26 -11.18
CA ALA A 368 -0.72 -8.74 -10.02
C ALA A 368 0.43 -9.68 -9.67
N SER A 369 1.55 -9.10 -9.23
CA SER A 369 2.69 -9.84 -8.72
C SER A 369 2.64 -9.94 -7.19
N VAL A 370 2.02 -8.94 -6.54
CA VAL A 370 2.03 -8.85 -5.09
C VAL A 370 0.71 -8.21 -4.65
N CYS A 371 0.28 -8.47 -3.42
CA CYS A 371 -1.04 -8.06 -2.96
C CYS A 371 -0.90 -7.22 -1.69
N GLN A 372 -1.73 -6.19 -1.57
CA GLN A 372 -1.78 -5.34 -0.36
C GLN A 372 -3.12 -5.54 0.29
N LEU A 373 -3.14 -5.51 1.62
CA LEU A 373 -4.35 -5.66 2.39
C LEU A 373 -4.56 -4.43 3.21
N TYR A 374 -5.81 -4.08 3.45
CA TYR A 374 -6.18 -3.01 4.34
C TYR A 374 -7.41 -3.39 5.14
N SER A 375 -8.53 -3.52 4.45
CA SER A 375 -9.80 -3.86 5.02
C SER A 375 -9.80 -5.20 5.69
N CYS A 376 -9.11 -6.14 5.08
CA CYS A 376 -9.11 -7.46 5.59
C CYS A 376 -8.60 -7.37 6.98
N LEU A 377 -7.65 -6.50 7.22
CA LEU A 377 -7.09 -6.35 8.55
C LEU A 377 -8.12 -5.84 9.47
N VAL A 378 -8.93 -4.94 8.98
CA VAL A 378 -9.95 -4.31 9.77
C VAL A 378 -11.05 -5.29 10.18
N PHE A 379 -11.56 -6.06 9.22
CA PHE A 379 -12.62 -7.01 9.52
C PHE A 379 -12.19 -8.42 9.96
N ASN A 380 -11.11 -8.96 9.40
CA ASN A 380 -10.65 -10.30 9.81
C ASN A 380 -9.66 -10.32 10.99
N GLY A 381 -8.95 -9.22 11.21
CA GLY A 381 -8.19 -9.10 12.45
C GLY A 381 -6.71 -9.34 12.31
N MET A 382 -6.03 -9.31 13.44
CA MET A 382 -4.62 -9.53 13.47
C MET A 382 -4.10 -10.80 12.81
N LYS A 383 -4.94 -11.82 12.68
CA LYS A 383 -4.52 -13.09 12.11
C LYS A 383 -4.47 -13.05 10.59
N SER A 384 -4.80 -11.91 10.00
CA SER A 384 -5.09 -11.85 8.58
C SER A 384 -4.04 -12.38 7.65
N ALA A 385 -2.79 -12.04 7.93
CA ALA A 385 -1.71 -12.44 7.04
C ALA A 385 -1.45 -13.94 7.19
N VAL A 386 -1.45 -14.47 8.42
CA VAL A 386 -1.25 -15.90 8.64
C VAL A 386 -2.33 -16.65 7.91
N GLN A 387 -3.58 -16.26 8.13
CA GLN A 387 -4.71 -16.92 7.49
C GLN A 387 -4.60 -16.91 5.96
N ILE A 388 -4.32 -15.75 5.41
CA ILE A 388 -4.33 -15.61 3.97
C ILE A 388 -3.11 -16.28 3.30
N LYS A 389 -1.97 -16.36 3.97
CA LYS A 389 -0.80 -17.02 3.35
C LYS A 389 -1.06 -18.51 3.14
N ARG A 390 -1.61 -19.17 4.16
CA ARG A 390 -2.04 -20.56 4.14
C ARG A 390 -3.04 -20.84 3.01
N GLU A 391 -4.04 -19.98 2.88
CA GLU A 391 -5.08 -20.19 1.88
C GLU A 391 -4.52 -20.04 0.49
N LEU A 392 -3.67 -19.04 0.26
CA LEU A 392 -3.03 -18.91 -1.05
C LEU A 392 -2.17 -20.15 -1.38
N ASN A 393 -1.45 -20.66 -0.37
CA ASN A 393 -0.63 -21.84 -0.53
C ASN A 393 -1.47 -23.07 -0.82
N HIS A 394 -2.52 -23.30 -0.02
CA HIS A 394 -3.41 -24.47 -0.20
C HIS A 394 -4.10 -24.40 -1.56
N LEU A 395 -4.44 -23.18 -2.00
CA LEU A 395 -5.12 -23.02 -3.26
C LEU A 395 -4.14 -23.09 -4.43
N LEU A 396 -2.88 -22.67 -4.24
CA LEU A 396 -1.87 -22.80 -5.31
C LEU A 396 -1.58 -24.27 -5.65
N TYR A 397 -1.78 -25.14 -4.64
CA TYR A 397 -1.56 -26.58 -4.78
C TYR A 397 -2.71 -27.30 -5.50
N GLN A 398 -3.95 -26.91 -5.20
CA GLN A 398 -5.13 -27.50 -5.84
C GLN A 398 -5.20 -27.16 -7.32
N ARG A 399 -4.73 -25.97 -7.69
CA ARG A 399 -4.67 -25.56 -9.10
C ARG A 399 -3.42 -26.09 -9.76
N GLY A 400 -2.62 -26.85 -9.02
CA GLY A 400 -1.38 -27.42 -9.52
C GLY A 400 -0.44 -26.43 -10.19
N TYR A 401 -0.19 -25.29 -9.54
CA TYR A 401 0.89 -24.39 -9.98
C TYR A 401 2.14 -24.84 -9.26
N TYR A 402 3.30 -24.68 -9.88
CA TYR A 402 4.54 -25.04 -9.22
C TYR A 402 4.95 -23.98 -8.17
N ASN A 403 4.67 -22.72 -8.46
CA ASN A 403 4.94 -21.63 -7.55
C ASN A 403 4.04 -20.42 -7.90
N LEU A 404 4.17 -19.32 -7.17
CA LEU A 404 3.31 -18.17 -7.40
C LEU A 404 3.59 -17.50 -8.73
N LYS A 405 4.86 -17.34 -9.06
CA LYS A 405 5.27 -16.59 -10.27
C LYS A 405 4.64 -17.11 -11.55
N GLU A 406 4.44 -18.43 -11.61
CA GLU A 406 3.79 -19.12 -12.72
C GLU A 406 2.32 -18.71 -12.89
N ALA A 407 1.67 -18.28 -11.80
CA ALA A 407 0.25 -17.87 -11.84
C ALA A 407 -0.02 -16.44 -12.31
N ILE A 408 1.00 -15.62 -12.33
CA ILE A 408 0.83 -14.24 -12.68
C ILE A 408 0.38 -14.04 -14.11
N GLY A 409 -0.78 -13.45 -14.28
CA GLY A 409 -1.23 -13.14 -15.62
C GLY A 409 -1.81 -14.31 -16.34
N ARG A 410 -1.99 -15.43 -15.67
CA ARG A 410 -2.57 -16.56 -16.35
C ARG A 410 -4.06 -16.35 -16.32
N LYS A 411 -4.48 -15.20 -16.82
CA LYS A 411 -5.88 -14.86 -16.83
C LYS A 411 -6.68 -15.86 -16.06
C1 O8A B . -7.93 -4.76 16.91
F1 O8A B . -7.03 -4.59 21.05
N1 O8A B . -7.53 -5.58 15.91
O1 O8A B . -8.89 -3.86 20.27
S1 O8A B . -9.56 -1.89 13.74
C2 O8A B . -8.08 -3.46 16.29
F2 O8A B . -7.50 -2.57 21.22
N2 O8A B . -7.75 -3.55 14.98
O2 O8A B . -11.08 -0.07 12.25
C3 O8A B . -8.47 -2.37 17.00
F3 O8A B . -8.40 -3.98 22.40
N3 O8A B . -9.57 0.95 11.10
C4 O8A B . -8.73 -2.55 18.34
C5 O8A B . -8.59 -3.77 18.96
C6 O8A B . -8.19 -4.88 18.25
C7 O8A B . -7.43 -4.91 14.75
C8 O8A B . -7.94 -3.74 21.25
C9 O8A B . -7.03 -5.30 13.37
C10 O8A B . -8.03 -2.55 14.02
C11 O8A B . -8.95 -0.86 12.56
C12 O8A B . -7.59 -1.04 12.40
C13 O8A B . -7.07 -2.00 13.25
C14 O8A B . -9.94 0.04 11.94
C15 O8A B . -10.48 1.95 10.68
C16 O8A B . -10.06 2.45 9.33
C17 O8A B . -11.21 1.48 9.44
N1 FMN C . -4.22 4.91 -0.15
C2 FMN C . -3.09 5.63 -0.41
O2 FMN C . -2.46 5.47 -1.48
N3 FMN C . -2.67 6.57 0.51
C4 FMN C . -3.34 6.77 1.70
O4 FMN C . -2.94 7.59 2.52
C4A FMN C . -4.46 6.04 1.98
N5 FMN C . -5.13 6.25 3.17
C5A FMN C . -6.27 5.51 3.45
C6 FMN C . -6.97 5.69 4.65
C7 FMN C . -8.10 4.91 4.90
C7M FMN C . -8.86 5.07 6.18
C8 FMN C . -8.52 3.96 3.98
C8M FMN C . -9.75 3.09 4.22
C9 FMN C . -7.83 3.80 2.80
C9A FMN C . -6.69 4.56 2.53
N10 FMN C . -6.02 4.37 1.33
C10 FMN C . -4.89 5.11 1.05
C1' FMN C . -6.49 3.34 0.32
C2' FMN C . -5.91 1.98 0.77
O2' FMN C . -4.50 2.06 0.74
C3' FMN C . -6.36 0.84 -0.15
O3' FMN C . -5.89 1.12 -1.43
C4' FMN C . -7.87 0.71 -0.28
O4' FMN C . -8.45 0.62 1.00
C5' FMN C . -8.29 -0.54 -1.04
O5' FMN C . -7.93 -1.67 -0.28
P FMN C . -8.91 -2.62 0.53
O1P FMN C . -9.28 -1.96 1.84
O2P FMN C . -8.14 -3.89 0.85
O3P FMN C . -10.14 -2.94 -0.27
N1 ORO D . -8.08 8.22 1.29
C2 ORO D . -8.11 7.29 0.33
O2 ORO D . -9.13 6.57 0.25
N3 ORO D . -7.07 7.14 -0.55
C4 ORO D . -5.96 7.90 -0.46
O4 ORO D . -5.02 7.74 -1.26
C5 ORO D . -5.90 8.89 0.54
C6 ORO D . -7.00 9.02 1.40
C7 ORO D . -7.03 10.06 2.45
O71 ORO D . -5.98 10.39 3.05
O72 ORO D . -8.16 10.60 2.64
N1 LDA E . 4.83 -10.30 21.89
O1 LDA E . 5.37 -9.40 21.28
CM1 LDA E . 4.41 -11.31 20.96
CM2 LDA E . 5.74 -10.86 22.86
C1 LDA E . 3.72 -9.75 22.57
C2 LDA E . 2.66 -10.80 22.37
C3 LDA E . 1.62 -10.53 23.44
C4 LDA E . 0.23 -10.73 22.90
C5 LDA E . -0.76 -10.83 24.04
C6 LDA E . -1.78 -9.72 23.97
C7 LDA E . -2.58 -9.69 25.24
C8 LDA E . -1.70 -10.15 26.40
C9 LDA E . -0.25 -9.68 26.34
C10 LDA E . 0.22 -9.08 27.66
C11 LDA E . 1.75 -9.06 27.75
C12 LDA E . 2.33 -7.65 27.84
#